data_3M9E
#
_entry.id   3M9E
#
_cell.length_a   73.738
_cell.length_b   83.468
_cell.length_c   75.743
_cell.angle_alpha   90.00
_cell.angle_beta   98.28
_cell.angle_gamma   90.00
#
_symmetry.space_group_name_H-M   'P 1 21 1'
#
loop_
_entity.id
_entity.type
_entity.pdbx_description
1 polymer 'Thyroid hormone receptor beta'
2 polymer "DNA (5'-D(*AP*TP*TP*GP*AP*CP*CP*TP*CP*AP*GP*CP*TP*GP*AP*GP*GP*TP*CP*AP*AP*T)-3')"
3 non-polymer 'ZINC ION'
4 water water
#
loop_
_entity_poly.entity_id
_entity_poly.type
_entity_poly.pdbx_seq_one_letter_code
_entity_poly.pdbx_strand_id
1 'polypeptide(L)'
;GSDELCVVCGDKATGYHYRCITCEGCKGFFRRTIQKSLHPSYSCKYEGKCIIDKVTRNQCQECRFKKCIYVGMATDLVLD
DSKRLAKRKLIEENREKRRREELQK
;
A,B,E,F
2 'polydeoxyribonucleotide'
;(DA)(DT)(DT)(DG)(DA)(DC)(DC)(DT)(DC)(DA)(DG)(DC)(DT)(DG)(DA)(DG)(DG)(DT)(DC)(DA)
(DA)(DT)
;
C,D,G,H
#
loop_
_chem_comp.id
_chem_comp.type
_chem_comp.name
_chem_comp.formula
DA DNA linking 2'-DEOXYADENOSINE-5'-MONOPHOSPHATE 'C10 H14 N5 O6 P'
DC DNA linking 2'-DEOXYCYTIDINE-5'-MONOPHOSPHATE 'C9 H14 N3 O7 P'
DG DNA linking 2'-DEOXYGUANOSINE-5'-MONOPHOSPHATE 'C10 H14 N5 O7 P'
DT DNA linking THYMIDINE-5'-MONOPHOSPHATE 'C10 H15 N2 O8 P'
ZN non-polymer 'ZINC ION' 'Zn 2'
#
# COMPACT_ATOMS: atom_id res chain seq x y z
N GLU A 4 4.39 15.55 -9.75
CA GLU A 4 5.75 15.05 -9.70
C GLU A 4 6.77 16.19 -9.79
N LEU A 5 6.73 16.91 -10.90
CA LEU A 5 7.69 17.98 -11.14
C LEU A 5 6.97 19.29 -11.43
N CYS A 6 7.42 20.36 -10.78
CA CYS A 6 6.87 21.70 -11.02
C CYS A 6 6.92 22.08 -12.50
N VAL A 7 5.79 22.51 -13.02
CA VAL A 7 5.68 22.87 -14.45
C VAL A 7 6.47 24.15 -14.79
N VAL A 8 6.77 24.95 -13.76
CA VAL A 8 7.45 26.23 -13.97
C VAL A 8 8.95 26.08 -13.94
N CYS A 9 9.46 25.38 -12.92
CA CYS A 9 10.91 25.36 -12.68
C CYS A 9 11.47 23.95 -12.73
N GLY A 10 10.62 22.97 -12.48
CA GLY A 10 11.01 21.59 -12.63
C GLY A 10 11.58 20.87 -11.42
N ASP A 11 11.57 21.49 -10.24
CA ASP A 11 11.90 20.69 -9.06
C ASP A 11 10.65 20.08 -8.46
N LYS A 12 10.82 19.30 -7.40
CA LYS A 12 9.74 18.49 -6.84
C LYS A 12 8.47 19.31 -6.56
N ALA A 13 7.37 18.94 -7.21
CA ALA A 13 6.10 19.61 -6.95
C ALA A 13 5.42 19.07 -5.71
N THR A 14 4.53 19.88 -5.15
CA THR A 14 3.83 19.52 -3.93
C THR A 14 2.34 19.42 -4.18
N GLY A 15 1.96 19.28 -5.44
CA GLY A 15 0.56 19.16 -5.80
C GLY A 15 0.09 20.35 -6.61
N TYR A 16 -1.23 20.52 -6.68
CA TYR A 16 -1.85 21.58 -7.45
C TYR A 16 -1.90 22.90 -6.68
N HIS A 17 -1.49 23.97 -7.35
CA HIS A 17 -1.52 25.29 -6.76
C HIS A 17 -1.95 26.27 -7.84
N TYR A 18 -3.08 26.92 -7.62
CA TYR A 18 -3.62 27.84 -8.62
C TYR A 18 -3.63 27.08 -9.95
N ARG A 19 -4.23 25.88 -9.93
CA ARG A 19 -4.51 25.07 -11.12
C ARG A 19 -3.28 24.60 -11.90
N CYS A 20 -2.20 24.27 -11.19
CA CYS A 20 -0.99 23.80 -11.87
C CYS A 20 -0.17 22.97 -10.88
N ILE A 21 0.62 22.04 -11.41
CA ILE A 21 1.54 21.28 -10.57
C ILE A 21 2.79 22.12 -10.34
N THR A 22 3.04 22.51 -9.10
CA THR A 22 4.14 23.40 -8.80
C THR A 22 4.83 23.08 -7.47
N CYS A 23 6.08 23.53 -7.36
CA CYS A 23 6.82 23.46 -6.12
C CYS A 23 6.29 24.52 -5.18
N GLU A 24 6.65 24.41 -3.90
CA GLU A 24 6.27 25.41 -2.91
C GLU A 24 6.82 26.78 -3.30
N GLY A 25 8.01 26.76 -3.89
CA GLY A 25 8.65 27.98 -4.32
C GLY A 25 7.79 28.72 -5.31
N CYS A 26 7.48 28.08 -6.43
CA CYS A 26 6.74 28.80 -7.47
C CYS A 26 5.34 29.22 -6.98
N LYS A 27 4.81 28.45 -6.04
CA LYS A 27 3.51 28.76 -5.45
C LYS A 27 3.61 30.03 -4.61
N GLY A 28 4.62 30.07 -3.74
CA GLY A 28 4.86 31.24 -2.91
C GLY A 28 5.11 32.49 -3.72
N PHE A 29 5.95 32.33 -4.74
CA PHE A 29 6.29 33.44 -5.62
C PHE A 29 5.05 34.04 -6.29
N PHE A 30 4.26 33.16 -6.90
CA PHE A 30 3.10 33.57 -7.65
C PHE A 30 2.08 34.20 -6.74
N ARG A 31 1.87 33.57 -5.59
CA ARG A 31 0.97 34.13 -4.60
C ARG A 31 1.39 35.54 -4.19
N ARG A 32 2.67 35.73 -3.87
CA ARG A 32 3.05 37.06 -3.36
C ARG A 32 3.10 38.09 -4.48
N THR A 33 3.40 37.63 -5.69
CA THR A 33 3.37 38.51 -6.86
C THR A 33 1.98 39.09 -7.08
N ILE A 34 0.96 38.25 -6.93
CA ILE A 34 -0.41 38.71 -7.16
C ILE A 34 -0.93 39.48 -5.95
N GLN A 35 -0.65 38.96 -4.76
CA GLN A 35 -1.13 39.59 -3.53
C GLN A 35 -0.67 41.03 -3.46
N LYS A 36 0.61 41.22 -3.74
CA LYS A 36 1.27 42.51 -3.55
C LYS A 36 1.41 43.26 -4.85
N SER A 37 0.89 42.67 -5.93
CA SER A 37 0.86 43.37 -7.20
C SER A 37 2.22 43.78 -7.74
N LEU A 38 3.17 42.87 -7.66
CA LEU A 38 4.55 43.17 -8.00
C LEU A 38 4.89 43.06 -9.50
N HIS A 39 4.12 42.28 -10.26
CA HIS A 39 4.54 41.97 -11.63
C HIS A 39 4.81 43.18 -12.54
N PRO A 40 3.96 44.21 -12.50
CA PRO A 40 4.23 45.36 -13.37
C PRO A 40 5.62 45.95 -13.15
N SER A 41 6.18 45.75 -11.96
CA SER A 41 7.48 46.30 -11.66
C SER A 41 8.60 45.30 -11.87
N TYR A 42 8.26 44.10 -12.34
CA TYR A 42 9.31 43.15 -12.69
C TYR A 42 9.86 43.57 -14.04
N SER A 43 11.13 43.30 -14.27
CA SER A 43 11.77 43.65 -15.54
C SER A 43 12.96 42.75 -15.82
N CYS A 44 12.95 42.10 -16.97
CA CYS A 44 14.02 41.20 -17.38
C CYS A 44 15.20 41.98 -17.95
N LYS A 45 16.34 41.92 -17.25
CA LYS A 45 17.54 42.64 -17.69
C LYS A 45 18.07 42.32 -19.09
N TYR A 46 17.64 41.20 -19.63
CA TYR A 46 18.01 40.80 -20.99
C TYR A 46 16.77 40.33 -21.72
N GLU A 47 16.97 39.62 -22.82
CA GLU A 47 15.86 39.07 -23.58
C GLU A 47 14.89 38.44 -22.59
N GLY A 48 13.60 38.63 -22.84
CA GLY A 48 12.58 38.09 -21.98
C GLY A 48 12.55 36.64 -22.34
N LYS A 49 13.67 35.98 -22.51
CA LYS A 49 13.50 34.53 -22.65
C LYS A 49 14.45 33.68 -21.77
N CYS A 50 14.67 34.15 -20.55
CA CYS A 50 15.43 33.47 -19.51
C CYS A 50 14.96 32.05 -19.23
N ILE A 51 15.91 31.13 -19.16
CA ILE A 51 15.62 29.78 -18.76
C ILE A 51 15.17 29.75 -17.30
N ILE A 52 13.96 29.27 -17.05
CA ILE A 52 13.50 29.10 -15.68
C ILE A 52 13.57 27.64 -15.29
N ASP A 53 14.59 27.27 -14.53
CA ASP A 53 14.68 25.96 -13.90
C ASP A 53 14.95 26.19 -12.42
N LYS A 54 15.26 25.15 -11.66
CA LYS A 54 15.28 25.33 -10.21
C LYS A 54 16.53 26.03 -9.76
N VAL A 55 17.56 26.02 -10.60
CA VAL A 55 18.79 26.69 -10.22
C VAL A 55 18.74 28.17 -10.60
N THR A 56 17.97 28.50 -11.62
CA THR A 56 17.95 29.86 -12.15
C THR A 56 16.69 30.63 -11.86
N ARG A 57 15.74 30.02 -11.14
CA ARG A 57 14.41 30.62 -11.03
C ARG A 57 14.40 31.94 -10.28
N ASN A 58 15.45 32.21 -9.51
CA ASN A 58 15.57 33.50 -8.83
C ASN A 58 16.41 34.51 -9.61
N GLN A 59 16.90 34.11 -10.78
CA GLN A 59 17.72 35.00 -11.59
C GLN A 59 16.91 36.10 -12.27
N CYS A 60 15.61 35.88 -12.45
CA CYS A 60 14.77 36.85 -13.15
C CYS A 60 13.31 36.70 -12.77
N GLN A 61 12.79 37.71 -12.10
CA GLN A 61 11.40 37.68 -11.65
C GLN A 61 10.44 37.76 -12.84
N GLU A 62 10.69 38.70 -13.75
CA GLU A 62 9.85 38.87 -14.92
C GLU A 62 9.69 37.57 -15.71
N CYS A 63 10.80 36.90 -15.98
CA CYS A 63 10.66 35.65 -16.70
C CYS A 63 10.02 34.53 -15.86
N ARG A 64 10.28 34.51 -14.55
CA ARG A 64 9.68 33.47 -13.71
C ARG A 64 8.16 33.64 -13.66
N PHE A 65 7.70 34.87 -13.49
CA PHE A 65 6.27 35.14 -13.48
C PHE A 65 5.63 34.84 -14.83
N LYS A 66 6.23 35.29 -15.91
CA LYS A 66 5.69 35.02 -17.24
C LYS A 66 5.51 33.53 -17.50
N LYS A 67 6.46 32.73 -17.04
CA LYS A 67 6.38 31.29 -17.18
C LYS A 67 5.23 30.76 -16.32
N CYS A 68 4.99 31.43 -15.20
CA CYS A 68 3.83 31.11 -14.35
C CYS A 68 2.51 31.31 -15.09
N ILE A 69 2.39 32.44 -15.77
CA ILE A 69 1.16 32.77 -16.45
C ILE A 69 0.99 31.84 -17.64
N TYR A 70 2.12 31.46 -18.24
CA TYR A 70 2.11 30.69 -19.47
C TYR A 70 1.59 29.27 -19.27
N VAL A 71 2.08 28.62 -18.22
CA VAL A 71 1.66 27.26 -17.91
C VAL A 71 0.24 27.23 -17.37
N GLY A 72 -0.34 28.40 -17.12
CA GLY A 72 -1.75 28.50 -16.80
C GLY A 72 -2.16 28.76 -15.35
N MET A 73 -1.26 29.27 -14.51
CA MET A 73 -1.63 29.53 -13.12
C MET A 73 -2.73 30.57 -13.04
N ALA A 74 -3.70 30.35 -12.16
CA ALA A 74 -4.91 31.16 -12.16
C ALA A 74 -4.86 32.30 -11.15
N THR A 75 -4.73 33.51 -11.67
CA THR A 75 -4.59 34.70 -10.82
C THR A 75 -5.84 34.96 -10.03
N ASP A 76 -6.95 34.45 -10.53
CA ASP A 76 -8.23 34.65 -9.88
C ASP A 76 -8.38 33.78 -8.64
N LEU A 77 -7.49 32.78 -8.49
CA LEU A 77 -7.50 31.91 -7.32
C LEU A 77 -6.63 32.46 -6.17
N VAL A 78 -6.09 33.67 -6.35
CA VAL A 78 -5.44 34.39 -5.26
C VAL A 78 -6.40 35.42 -4.71
N LEU A 79 -6.91 35.20 -3.50
CA LEU A 79 -7.86 36.10 -2.85
C LEU A 79 -7.41 37.55 -2.84
N ASP A 80 -8.31 38.45 -3.20
CA ASP A 80 -8.06 39.88 -3.00
C ASP A 80 -7.99 40.16 -1.50
N ASP A 81 -7.62 41.38 -1.15
CA ASP A 81 -7.39 41.71 0.25
C ASP A 81 -8.64 41.60 1.13
N SER A 82 -9.79 42.06 0.64
CA SER A 82 -11.02 41.94 1.42
C SER A 82 -11.35 40.48 1.76
N LYS A 83 -11.31 39.63 0.75
CA LYS A 83 -11.56 38.20 0.95
C LYS A 83 -10.51 37.61 1.88
N ARG A 84 -9.28 38.05 1.69
CA ARG A 84 -8.16 37.61 2.50
C ARG A 84 -8.46 37.92 3.97
N LEU A 85 -8.89 39.15 4.22
CA LEU A 85 -9.15 39.58 5.59
C LEU A 85 -10.38 38.88 6.17
N ALA A 86 -11.41 38.71 5.35
CA ALA A 86 -12.58 37.92 5.75
C ALA A 86 -12.12 36.55 6.21
N LYS A 87 -11.29 35.88 5.41
CA LYS A 87 -10.83 34.55 5.77
C LYS A 87 -10.17 34.57 7.15
N ARG A 88 -9.30 35.55 7.37
CA ARG A 88 -8.66 35.72 8.66
C ARG A 88 -9.70 35.93 9.76
N LYS A 89 -10.72 36.72 9.46
CA LYS A 89 -11.78 36.99 10.41
C LYS A 89 -12.55 35.71 10.69
N LEU A 90 -12.99 35.04 9.63
CA LEU A 90 -13.68 33.77 9.78
C LEU A 90 -12.86 32.79 10.62
N ILE A 91 -11.55 32.74 10.39
CA ILE A 91 -10.72 31.81 11.15
C ILE A 91 -10.70 32.22 12.61
N GLU A 92 -10.88 33.50 12.86
CA GLU A 92 -10.93 33.99 14.23
C GLU A 92 -12.33 33.89 14.83
N GLU A 93 -13.35 34.02 14.00
CA GLU A 93 -14.72 33.77 14.45
C GLU A 93 -14.93 32.29 14.79
N ASN A 94 -14.24 31.40 14.09
CA ASN A 94 -14.34 29.97 14.35
C ASN A 94 -13.46 29.54 15.52
N ARG A 95 -12.39 30.29 15.77
CA ARG A 95 -11.57 30.05 16.95
C ARG A 95 -12.21 30.82 18.09
N GLU A 96 -13.33 31.47 17.79
CA GLU A 96 -14.12 32.19 18.78
C GLU A 96 -15.36 31.36 19.10
N LYS A 97 -16.11 31.01 18.06
CA LYS A 97 -17.29 30.17 18.19
C LYS A 97 -16.95 28.88 18.95
N ARG A 98 -15.85 28.24 18.58
CA ARG A 98 -15.39 27.03 19.27
C ARG A 98 -14.90 27.35 20.68
N ARG A 99 -14.20 28.46 20.83
CA ARG A 99 -13.65 28.87 22.12
C ARG A 99 -14.72 29.21 23.17
N ARG A 100 -15.81 29.83 22.73
CA ARG A 100 -16.87 30.26 23.63
C ARG A 100 -18.03 29.26 23.70
N GLU A 101 -18.22 28.47 22.65
CA GLU A 101 -19.26 27.45 22.65
C GLU A 101 -18.82 26.23 23.45
N GLU A 102 -17.57 26.23 23.90
CA GLU A 102 -17.01 25.13 24.65
C GLU A 102 -17.15 25.39 26.15
N LEU A 103 -17.90 26.43 26.50
CA LEU A 103 -17.94 26.91 27.88
C LEU A 103 -19.35 27.22 28.42
N GLN A 104 -20.38 26.64 27.82
CA GLN A 104 -21.76 26.77 28.33
C GLN A 104 -22.78 26.17 27.37
N GLU B 4 -21.54 13.10 -15.39
CA GLU B 4 -22.83 13.42 -15.97
C GLU B 4 -23.84 12.27 -15.79
N LEU B 5 -23.57 11.15 -16.43
CA LEU B 5 -24.46 10.00 -16.38
C LEU B 5 -23.81 8.78 -15.76
N CYS B 6 -24.59 8.04 -14.97
CA CYS B 6 -24.10 6.82 -14.31
C CYS B 6 -23.59 5.81 -15.34
N VAL B 7 -22.39 5.28 -15.12
CA VAL B 7 -21.83 4.32 -16.08
C VAL B 7 -22.48 2.94 -15.95
N VAL B 8 -23.22 2.73 -14.88
CA VAL B 8 -23.90 1.44 -14.70
C VAL B 8 -25.28 1.44 -15.35
N CYS B 9 -26.08 2.46 -15.07
CA CYS B 9 -27.49 2.38 -15.42
C CYS B 9 -27.93 3.59 -16.24
N GLY B 10 -27.10 4.62 -16.27
CA GLY B 10 -27.33 5.73 -17.17
C GLY B 10 -28.24 6.85 -16.74
N ASP B 11 -28.64 6.91 -15.47
CA ASP B 11 -29.33 8.13 -15.04
C ASP B 11 -28.37 9.10 -14.37
N LYS B 12 -28.92 10.17 -13.78
CA LYS B 12 -28.10 11.25 -13.24
C LYS B 12 -27.07 10.76 -12.23
N ALA B 13 -25.80 10.94 -12.56
CA ALA B 13 -24.72 10.61 -11.64
C ALA B 13 -24.49 11.71 -10.60
N THR B 14 -24.02 11.30 -9.43
CA THR B 14 -23.77 12.21 -8.33
C THR B 14 -22.29 12.23 -7.98
N GLY B 15 -21.44 11.95 -8.97
CA GLY B 15 -20.01 11.99 -8.77
C GLY B 15 -19.39 10.61 -8.64
N TYR B 16 -18.13 10.59 -8.23
CA TYR B 16 -17.40 9.34 -8.08
C TYR B 16 -17.84 8.55 -6.85
N HIS B 17 -17.90 7.23 -7.03
CA HIS B 17 -18.17 6.33 -5.93
C HIS B 17 -17.44 5.05 -6.25
N TYR B 18 -16.56 4.63 -5.35
CA TYR B 18 -15.78 3.43 -5.59
C TYR B 18 -15.12 3.50 -6.97
N ARG B 19 -14.64 4.71 -7.30
CA ARG B 19 -13.81 4.99 -8.48
C ARG B 19 -14.55 5.11 -9.81
N CYS B 20 -15.87 5.22 -9.78
CA CYS B 20 -16.66 5.33 -11.01
C CYS B 20 -17.70 6.40 -10.85
N ILE B 21 -18.14 6.96 -11.97
CA ILE B 21 -19.24 7.92 -11.96
C ILE B 21 -20.56 7.15 -11.86
N THR B 22 -21.28 7.35 -10.76
CA THR B 22 -22.48 6.57 -10.51
C THR B 22 -23.60 7.35 -9.82
N CYS B 23 -24.82 6.82 -9.92
CA CYS B 23 -25.97 7.38 -9.22
C CYS B 23 -25.92 6.92 -7.77
N GLU B 24 -26.80 7.49 -6.95
CA GLU B 24 -26.91 7.07 -5.55
C GLU B 24 -27.40 5.63 -5.45
N GLY B 25 -28.30 5.25 -6.37
CA GLY B 25 -28.79 3.90 -6.42
C GLY B 25 -27.66 2.91 -6.59
N CYS B 26 -26.89 3.05 -7.66
CA CYS B 26 -25.89 2.04 -7.94
C CYS B 26 -24.81 2.05 -6.85
N LYS B 27 -24.46 3.24 -6.36
CA LYS B 27 -23.61 3.39 -5.19
C LYS B 27 -24.10 2.58 -3.99
N GLY B 28 -25.36 2.77 -3.61
CA GLY B 28 -25.91 2.09 -2.45
C GLY B 28 -26.00 0.59 -2.65
N PHE B 29 -26.42 0.21 -3.86
CA PHE B 29 -26.59 -1.18 -4.25
C PHE B 29 -25.26 -1.90 -4.10
N PHE B 30 -24.23 -1.29 -4.68
CA PHE B 30 -22.89 -1.88 -4.69
C PHE B 30 -22.33 -1.90 -3.27
N ARG B 31 -22.60 -0.86 -2.51
CA ARG B 31 -22.14 -0.80 -1.13
C ARG B 31 -22.72 -1.94 -0.29
N ARG B 32 -24.03 -2.12 -0.32
CA ARG B 32 -24.64 -3.15 0.52
C ARG B 32 -24.33 -4.55 0.02
N THR B 33 -24.22 -4.72 -1.28
CA THR B 33 -23.85 -6.01 -1.84
C THR B 33 -22.51 -6.44 -1.27
N ILE B 34 -21.61 -5.49 -1.13
CA ILE B 34 -20.30 -5.83 -0.61
C ILE B 34 -20.32 -5.94 0.90
N GLN B 35 -20.83 -4.92 1.58
CA GLN B 35 -20.93 -4.93 3.03
C GLN B 35 -21.47 -6.25 3.56
N LYS B 36 -22.59 -6.69 2.99
CA LYS B 36 -23.29 -7.89 3.44
C LYS B 36 -22.86 -9.14 2.68
N SER B 37 -22.05 -8.95 1.64
CA SER B 37 -21.53 -10.07 0.86
C SER B 37 -22.58 -10.87 0.08
N LEU B 38 -23.46 -10.17 -0.61
CA LEU B 38 -24.64 -10.77 -1.21
C LEU B 38 -24.42 -11.37 -2.60
N HIS B 39 -23.50 -10.79 -3.35
CA HIS B 39 -23.36 -11.14 -4.78
C HIS B 39 -23.28 -12.64 -5.10
N PRO B 40 -22.63 -13.44 -4.24
CA PRO B 40 -22.63 -14.85 -4.60
C PRO B 40 -24.05 -15.41 -4.70
N SER B 41 -24.98 -14.83 -3.95
CA SER B 41 -26.36 -15.33 -3.91
C SER B 41 -27.25 -14.72 -4.99
N TYR B 42 -26.74 -13.73 -5.73
CA TYR B 42 -27.50 -13.16 -6.84
C TYR B 42 -27.56 -14.14 -8.00
N SER B 43 -28.74 -14.30 -8.60
CA SER B 43 -28.91 -15.24 -9.70
C SER B 43 -29.78 -14.66 -10.81
N CYS B 44 -29.24 -14.64 -12.03
CA CYS B 44 -30.00 -14.14 -13.17
C CYS B 44 -31.04 -15.17 -13.61
N LYS B 45 -32.28 -14.74 -13.78
CA LYS B 45 -33.36 -15.65 -14.16
C LYS B 45 -33.39 -15.91 -15.65
N TYR B 46 -32.53 -15.22 -16.39
CA TYR B 46 -32.47 -15.37 -17.84
C TYR B 46 -30.99 -15.35 -18.13
N GLU B 47 -30.65 -15.35 -19.41
CA GLU B 47 -29.28 -15.14 -19.82
C GLU B 47 -28.61 -13.99 -19.10
N GLY B 48 -27.38 -14.16 -18.65
CA GLY B 48 -26.74 -13.12 -17.86
C GLY B 48 -26.44 -11.88 -18.70
N LYS B 49 -27.44 -11.40 -19.43
CA LYS B 49 -27.28 -10.31 -20.39
C LYS B 49 -28.43 -9.33 -20.27
N CYS B 50 -29.03 -9.24 -19.09
CA CYS B 50 -30.14 -8.31 -18.90
C CYS B 50 -29.68 -6.88 -19.13
N ILE B 51 -30.49 -6.09 -19.84
CA ILE B 51 -30.22 -4.69 -20.00
C ILE B 51 -30.35 -4.03 -18.63
N ILE B 52 -29.36 -3.21 -18.28
CA ILE B 52 -29.41 -2.47 -17.02
CA ILE B 52 -29.48 -2.46 -17.04
C ILE B 52 -29.38 -0.96 -17.29
N ASP B 53 -30.56 -0.34 -17.28
CA ASP B 53 -30.70 1.09 -17.44
C ASP B 53 -31.51 1.56 -16.26
N LYS B 54 -31.89 2.83 -16.24
CA LYS B 54 -32.46 3.38 -15.02
C LYS B 54 -33.88 2.86 -14.72
N VAL B 55 -34.54 2.28 -15.72
CA VAL B 55 -35.86 1.71 -15.50
C VAL B 55 -35.79 0.21 -15.14
N THR B 56 -34.83 -0.50 -15.70
CA THR B 56 -34.75 -1.94 -15.48
C THR B 56 -33.71 -2.37 -14.45
N ARG B 57 -33.09 -1.42 -13.77
CA ARG B 57 -31.94 -1.78 -12.92
C ARG B 57 -32.30 -2.66 -11.72
N ASN B 58 -33.55 -2.60 -11.28
CA ASN B 58 -33.96 -3.44 -10.17
C ASN B 58 -34.57 -4.77 -10.61
N GLN B 59 -34.48 -5.07 -11.90
CA GLN B 59 -35.03 -6.29 -12.44
C GLN B 59 -34.10 -7.46 -12.26
N CYS B 60 -32.79 -7.22 -12.31
CA CYS B 60 -31.83 -8.32 -12.19
C CYS B 60 -30.61 -7.92 -11.37
N GLN B 61 -30.56 -8.39 -10.14
CA GLN B 61 -29.48 -8.02 -9.24
C GLN B 61 -28.14 -8.52 -9.76
N GLU B 62 -28.12 -9.75 -10.24
CA GLU B 62 -26.88 -10.32 -10.71
C GLU B 62 -26.36 -9.53 -11.90
N CYS B 63 -27.25 -9.16 -12.81
CA CYS B 63 -26.78 -8.43 -13.95
C CYS B 63 -26.36 -7.02 -13.56
N ARG B 64 -27.04 -6.44 -12.58
CA ARG B 64 -26.69 -5.10 -12.13
C ARG B 64 -25.30 -5.12 -11.52
N PHE B 65 -25.04 -6.14 -10.71
CA PHE B 65 -23.80 -6.19 -10.00
C PHE B 65 -22.65 -6.49 -10.95
N LYS B 66 -22.89 -7.35 -11.92
CA LYS B 66 -21.86 -7.69 -12.88
C LYS B 66 -21.46 -6.44 -13.65
N LYS B 67 -22.44 -5.62 -13.99
CA LYS B 67 -22.18 -4.36 -14.65
C LYS B 67 -21.26 -3.50 -13.77
N CYS B 68 -21.55 -3.44 -12.47
CA CYS B 68 -20.78 -2.64 -11.53
C CYS B 68 -19.31 -3.05 -11.57
N ILE B 69 -19.07 -4.34 -11.55
CA ILE B 69 -17.72 -4.83 -11.60
C ILE B 69 -17.06 -4.54 -12.94
N TYR B 70 -17.86 -4.56 -14.00
CA TYR B 70 -17.32 -4.39 -15.34
C TYR B 70 -16.86 -2.96 -15.59
N VAL B 71 -17.67 -2.00 -15.19
CA VAL B 71 -17.34 -0.60 -15.40
C VAL B 71 -16.21 -0.15 -14.48
N GLY B 72 -15.85 -0.99 -13.52
CA GLY B 72 -14.69 -0.74 -12.70
C GLY B 72 -14.88 -0.42 -11.23
N MET B 73 -16.10 -0.56 -10.69
CA MET B 73 -16.28 -0.21 -9.28
C MET B 73 -15.37 -1.02 -8.35
N ALA B 74 -14.81 -0.32 -7.34
CA ALA B 74 -13.72 -0.87 -6.53
C ALA B 74 -14.20 -1.47 -5.23
N THR B 75 -14.14 -2.80 -5.13
CA THR B 75 -14.65 -3.51 -3.96
C THR B 75 -13.85 -3.18 -2.70
N ASP B 76 -12.58 -2.84 -2.89
CA ASP B 76 -11.68 -2.57 -1.79
C ASP B 76 -11.97 -1.23 -1.11
N LEU B 77 -12.69 -0.36 -1.81
CA LEU B 77 -13.03 0.94 -1.25
C LEU B 77 -14.25 0.86 -0.33
N VAL B 78 -14.79 -0.35 -0.18
CA VAL B 78 -15.86 -0.59 0.78
C VAL B 78 -15.29 -1.15 2.08
N LEU B 79 -15.43 -0.40 3.17
CA LEU B 79 -14.87 -0.78 4.45
C LEU B 79 -15.38 -2.13 4.95
N ASP B 80 -14.46 -2.98 5.41
CA ASP B 80 -14.84 -4.22 6.07
C ASP B 80 -15.23 -3.95 7.53
N ASP B 81 -15.98 -4.87 8.11
CA ASP B 81 -16.54 -4.67 9.46
C ASP B 81 -15.50 -4.15 10.45
N SER B 82 -14.28 -4.69 10.36
CA SER B 82 -13.18 -4.26 11.23
C SER B 82 -13.05 -2.74 11.31
N LYS B 83 -12.87 -2.12 10.15
CA LYS B 83 -12.62 -0.69 10.05
C LYS B 83 -13.91 0.13 9.99
N ARG B 84 -15.02 -0.55 9.74
CA ARG B 84 -16.33 0.10 9.59
C ARG B 84 -16.95 0.43 10.93
N LEU B 85 -16.78 -0.47 11.89
CA LEU B 85 -17.18 -0.21 13.26
C LEU B 85 -16.11 0.65 13.94
N ALA B 86 -14.89 0.58 13.40
CA ALA B 86 -13.79 1.44 13.84
C ALA B 86 -14.10 2.90 13.54
N LYS B 87 -14.74 3.15 12.41
CA LYS B 87 -15.19 4.50 12.03
C LYS B 87 -16.38 4.91 12.89
N ARG B 88 -17.23 3.95 13.23
CA ARG B 88 -18.40 4.21 14.07
C ARG B 88 -18.00 4.70 15.45
N LYS B 89 -17.14 3.93 16.10
CA LYS B 89 -16.58 4.27 17.40
C LYS B 89 -15.93 5.66 17.38
N LEU B 90 -15.19 5.94 16.33
CA LEU B 90 -14.53 7.24 16.20
C LEU B 90 -15.52 8.40 16.17
N ILE B 91 -16.67 8.20 15.51
CA ILE B 91 -17.67 9.27 15.38
C ILE B 91 -18.48 9.49 16.66
N GLU B 92 -18.72 8.41 17.41
CA GLU B 92 -19.48 8.48 18.66
C GLU B 92 -18.76 9.30 19.73
N GLU B 93 -17.44 9.10 19.83
CA GLU B 93 -16.61 9.84 20.77
C GLU B 93 -16.69 11.33 20.51
N ASN B 94 -16.59 11.70 19.24
CA ASN B 94 -16.60 13.11 18.85
C ASN B 94 -17.96 13.77 19.07
N ARG B 95 -19.04 13.01 18.92
CA ARG B 95 -20.38 13.57 19.08
C ARG B 95 -20.72 13.88 20.54
N GLU B 96 -20.22 13.06 21.47
CA GLU B 96 -20.45 13.27 22.89
C GLU B 96 -19.57 14.40 23.42
N LYS B 97 -18.33 14.47 22.91
CA LYS B 97 -17.41 15.52 23.30
C LYS B 97 -17.96 16.88 22.89
N ARG B 98 -18.42 16.96 21.64
CA ARG B 98 -18.95 18.22 21.10
C ARG B 98 -20.38 18.51 21.56
N ARG B 99 -21.04 17.50 22.13
CA ARG B 99 -22.42 17.66 22.59
C ARG B 99 -22.48 18.32 23.97
N ARG B 100 -21.59 17.91 24.86
CA ARG B 100 -21.50 18.50 26.20
C ARG B 100 -21.39 20.01 26.11
N GLU B 101 -20.66 20.48 25.10
CA GLU B 101 -20.51 21.90 24.87
C GLU B 101 -21.04 22.33 23.48
N GLU B 102 -21.96 23.30 23.46
CA GLU B 102 -22.43 24.02 24.65
C GLU B 102 -21.32 24.55 25.55
N GLU E 4 6.17 -29.34 11.08
CA GLU E 4 6.30 -30.80 11.07
C GLU E 4 4.94 -31.52 11.11
N LEU E 5 4.33 -31.61 12.30
CA LEU E 5 3.00 -32.22 12.43
C LEU E 5 1.90 -31.16 12.52
N CYS E 6 0.78 -31.39 11.84
CA CYS E 6 -0.35 -30.45 11.92
C CYS E 6 -0.79 -30.32 13.37
N VAL E 7 -0.96 -29.09 13.85
CA VAL E 7 -1.36 -28.92 15.25
C VAL E 7 -2.82 -29.29 15.48
N VAL E 8 -3.58 -29.45 14.41
CA VAL E 8 -4.99 -29.77 14.55
C VAL E 8 -5.23 -31.26 14.60
N CYS E 9 -4.65 -31.98 13.66
CA CYS E 9 -5.01 -33.37 13.47
C CYS E 9 -3.81 -34.30 13.51
N GLY E 10 -2.63 -33.74 13.39
CA GLY E 10 -1.42 -34.50 13.60
C GLY E 10 -0.76 -35.22 12.44
N ASP E 11 -1.27 -35.09 11.22
CA ASP E 11 -0.48 -35.64 10.10
C ASP E 11 0.46 -34.60 9.48
N LYS E 12 1.12 -34.99 8.39
CA LYS E 12 2.17 -34.16 7.77
C LYS E 12 1.68 -32.74 7.47
N ALA E 13 2.31 -31.77 8.12
CA ALA E 13 1.99 -30.37 7.86
C ALA E 13 2.77 -29.88 6.66
N THR E 14 2.32 -28.79 6.06
CA THR E 14 2.94 -28.25 4.86
C THR E 14 3.28 -26.79 5.05
N GLY E 15 3.60 -26.42 6.29
CA GLY E 15 3.95 -25.05 6.60
C GLY E 15 2.82 -24.32 7.28
N TYR E 16 3.00 -23.02 7.41
CA TYR E 16 2.01 -22.18 8.06
C TYR E 16 0.79 -21.94 7.18
N HIS E 17 -0.38 -21.89 7.82
CA HIS E 17 -1.61 -21.52 7.14
C HIS E 17 -2.49 -20.85 8.18
N TYR E 18 -2.90 -19.63 7.90
CA TYR E 18 -3.68 -18.84 8.86
C TYR E 18 -3.02 -18.85 10.27
N ARG E 19 -1.69 -18.67 10.28
CA ARG E 19 -0.88 -18.53 11.51
C ARG E 19 -0.54 -19.81 12.26
N CYS E 20 -0.85 -20.97 11.68
CA CYS E 20 -0.56 -22.23 12.33
C CYS E 20 0.11 -23.24 11.43
N ILE E 21 0.84 -24.16 12.05
CA ILE E 21 1.39 -25.32 11.36
C ILE E 21 0.24 -26.34 11.15
N THR E 22 -0.24 -26.44 9.91
CA THR E 22 -1.36 -27.33 9.60
C THR E 22 -1.11 -28.11 8.32
N CYS E 23 -1.91 -29.16 8.11
CA CYS E 23 -1.89 -29.93 6.86
C CYS E 23 -2.72 -29.24 5.79
N GLU E 24 -2.63 -29.73 4.56
CA GLU E 24 -3.44 -29.22 3.47
C GLU E 24 -4.92 -29.37 3.77
N GLY E 25 -5.28 -30.49 4.40
CA GLY E 25 -6.68 -30.77 4.70
C GLY E 25 -7.24 -29.76 5.66
N CYS E 26 -6.58 -29.59 6.80
CA CYS E 26 -7.07 -28.64 7.78
C CYS E 26 -7.10 -27.21 7.20
N LYS E 27 -6.10 -26.91 6.38
CA LYS E 27 -6.10 -25.64 5.63
C LYS E 27 -7.37 -25.48 4.77
N GLY E 28 -7.65 -26.46 3.92
CA GLY E 28 -8.84 -26.41 3.09
C GLY E 28 -10.12 -26.33 3.91
N PHE E 29 -10.19 -27.17 4.94
CA PHE E 29 -11.36 -27.20 5.81
C PHE E 29 -11.62 -25.83 6.43
N PHE E 30 -10.60 -25.29 7.07
CA PHE E 30 -10.72 -23.99 7.69
C PHE E 30 -11.09 -22.91 6.69
N ARG E 31 -10.40 -22.89 5.55
N ARG E 31 -10.40 -22.89 5.55
CA ARG E 31 -10.68 -21.89 4.53
CA ARG E 31 -10.69 -21.88 4.53
C ARG E 31 -12.13 -21.92 4.05
C ARG E 31 -12.14 -21.91 4.06
N ARG E 32 -12.61 -23.08 3.68
CA ARG E 32 -13.96 -23.15 3.11
C ARG E 32 -15.02 -22.95 4.19
N THR E 33 -14.70 -23.31 5.43
CA THR E 33 -15.59 -23.04 6.54
C THR E 33 -15.82 -21.55 6.68
N ILE E 34 -14.75 -20.79 6.79
CA ILE E 34 -14.85 -19.35 6.95
C ILE E 34 -15.38 -18.64 5.69
N GLN E 35 -14.89 -19.08 4.53
CA GLN E 35 -15.32 -18.50 3.25
C GLN E 35 -16.82 -18.47 3.17
N LYS E 36 -17.42 -19.63 3.42
CA LYS E 36 -18.83 -19.83 3.21
C LYS E 36 -19.59 -19.61 4.50
N SER E 37 -18.84 -19.30 5.56
CA SER E 37 -19.44 -18.98 6.84
C SER E 37 -20.20 -20.15 7.48
N LEU E 38 -19.64 -21.35 7.37
CA LEU E 38 -20.32 -22.61 7.73
C LEU E 38 -20.41 -22.91 9.24
N HIS E 39 -19.41 -22.44 10.00
CA HIS E 39 -19.26 -22.84 11.40
C HIS E 39 -20.54 -22.77 12.24
N PRO E 40 -21.31 -21.68 12.10
CA PRO E 40 -22.54 -21.64 12.89
C PRO E 40 -23.45 -22.86 12.68
N SER E 41 -23.35 -23.52 11.53
CA SER E 41 -24.20 -24.67 11.26
C SER E 41 -23.59 -26.02 11.66
N TYR E 42 -22.34 -26.04 12.13
CA TYR E 42 -21.77 -27.33 12.56
C TYR E 42 -22.36 -27.78 13.89
N SER E 43 -22.64 -29.07 14.00
CA SER E 43 -23.30 -29.56 15.21
C SER E 43 -22.73 -30.92 15.62
N CYS E 44 -21.97 -30.94 16.70
CA CYS E 44 -21.43 -32.19 17.22
C CYS E 44 -22.54 -33.11 17.69
N LYS E 45 -22.50 -34.35 17.20
CA LYS E 45 -23.53 -35.34 17.49
C LYS E 45 -23.33 -36.01 18.86
N TYR E 46 -22.27 -35.64 19.55
CA TYR E 46 -22.02 -36.23 20.86
C TYR E 46 -21.42 -35.02 21.53
N GLU E 47 -20.91 -35.23 22.73
CA GLU E 47 -20.19 -34.20 23.44
C GLU E 47 -19.15 -33.53 22.59
N GLY E 48 -18.89 -32.27 22.83
CA GLY E 48 -18.00 -31.53 21.98
C GLY E 48 -16.57 -31.84 22.30
N LYS E 49 -16.25 -33.10 22.49
CA LYS E 49 -14.94 -33.52 22.87
C LYS E 49 -14.40 -34.56 21.93
N CYS E 50 -14.85 -34.54 20.70
CA CYS E 50 -14.42 -35.54 19.73
C CYS E 50 -12.91 -35.53 19.52
N ILE E 51 -12.29 -36.71 19.47
CA ILE E 51 -10.89 -36.79 19.16
C ILE E 51 -10.65 -36.45 17.70
N ILE E 52 -9.75 -35.50 17.45
CA ILE E 52 -9.44 -35.06 16.09
C ILE E 52 -8.01 -35.42 15.73
N ASP E 53 -7.84 -36.54 15.05
CA ASP E 53 -6.55 -36.95 14.54
C ASP E 53 -6.70 -37.16 13.04
N LYS E 54 -5.70 -37.73 12.38
CA LYS E 54 -5.74 -37.79 10.92
C LYS E 54 -6.76 -38.79 10.39
N VAL E 55 -7.04 -39.82 11.17
CA VAL E 55 -8.01 -40.81 10.75
C VAL E 55 -9.43 -40.35 11.07
N THR E 56 -9.59 -39.60 12.16
CA THR E 56 -10.94 -39.25 12.61
C THR E 56 -11.38 -37.84 12.26
N ARG E 57 -10.53 -37.07 11.57
CA ARG E 57 -10.81 -35.64 11.39
C ARG E 57 -12.10 -35.28 10.64
N ASN E 58 -12.58 -36.16 9.77
CA ASN E 58 -13.85 -35.92 9.09
C ASN E 58 -15.08 -36.49 9.78
N GLN E 59 -14.91 -37.02 11.00
CA GLN E 59 -16.04 -37.56 11.76
C GLN E 59 -16.90 -36.48 12.45
N CYS E 60 -16.30 -35.33 12.76
CA CYS E 60 -17.07 -34.25 13.38
C CYS E 60 -16.57 -32.88 12.95
N GLN E 61 -17.36 -32.19 12.14
CA GLN E 61 -16.95 -30.88 11.68
C GLN E 61 -16.82 -29.91 12.84
N GLU E 62 -17.76 -29.96 13.78
CA GLU E 62 -17.77 -28.95 14.82
C GLU E 62 -16.52 -29.05 15.68
N CYS E 63 -16.14 -30.26 16.03
CA CYS E 63 -14.96 -30.44 16.82
C CYS E 63 -13.68 -30.20 16.02
N ARG E 64 -13.69 -30.45 14.71
CA ARG E 64 -12.51 -30.14 13.91
C ARG E 64 -12.34 -28.62 13.84
N PHE E 65 -13.44 -27.91 13.61
CA PHE E 65 -13.37 -26.47 13.61
C PHE E 65 -12.97 -25.88 14.97
N LYS E 66 -13.65 -26.26 16.04
CA LYS E 66 -13.30 -25.72 17.36
C LYS E 66 -11.82 -25.93 17.69
N LYS E 67 -11.24 -27.00 17.15
CA LYS E 67 -9.82 -27.24 17.37
C LYS E 67 -9.00 -26.22 16.55
N CYS E 68 -9.37 -26.03 15.28
CA CYS E 68 -8.74 -25.04 14.44
C CYS E 68 -8.68 -23.71 15.16
N ILE E 69 -9.80 -23.34 15.76
CA ILE E 69 -9.87 -22.10 16.48
C ILE E 69 -8.98 -22.15 17.71
N TYR E 70 -8.97 -23.29 18.38
CA TYR E 70 -8.24 -23.41 19.64
C TYR E 70 -6.73 -23.23 19.47
N VAL E 71 -6.19 -23.85 18.43
CA VAL E 71 -4.76 -23.82 18.18
C VAL E 71 -4.31 -22.48 17.60
N GLY E 72 -5.26 -21.61 17.27
CA GLY E 72 -4.97 -20.24 16.90
C GLY E 72 -5.16 -19.82 15.45
N MET E 73 -5.86 -20.63 14.65
CA MET E 73 -6.02 -20.29 13.22
C MET E 73 -6.79 -19.01 13.04
N ALA E 74 -6.29 -18.16 12.15
CA ALA E 74 -6.77 -16.79 12.05
C ALA E 74 -7.87 -16.61 11.00
N THR E 75 -9.10 -16.50 11.48
CA THR E 75 -10.24 -16.30 10.62
C THR E 75 -10.09 -15.00 9.82
N ASP E 76 -9.30 -14.08 10.34
CA ASP E 76 -9.11 -12.78 9.69
C ASP E 76 -8.17 -12.85 8.50
N LEU E 77 -7.44 -13.97 8.37
CA LEU E 77 -6.59 -14.16 7.19
C LEU E 77 -7.30 -14.90 6.04
N VAL E 78 -8.58 -15.19 6.22
CA VAL E 78 -9.39 -15.71 5.11
C VAL E 78 -10.04 -14.54 4.43
N LEU E 79 -9.66 -14.28 3.18
CA LEU E 79 -10.23 -13.17 2.43
C LEU E 79 -11.75 -13.28 2.32
N ASP E 80 -12.46 -12.20 2.59
CA ASP E 80 -13.91 -12.22 2.42
C ASP E 80 -14.24 -12.21 0.92
N ASP E 81 -15.50 -12.40 0.57
CA ASP E 81 -15.87 -12.52 -0.84
C ASP E 81 -15.63 -11.21 -1.59
N SER E 82 -15.68 -10.09 -0.89
CA SER E 82 -15.28 -8.83 -1.48
C SER E 82 -13.82 -8.90 -1.95
N LYS E 83 -12.90 -8.97 -0.99
CA LYS E 83 -11.48 -8.98 -1.30
C LYS E 83 -11.12 -10.16 -2.22
N ARG E 84 -11.90 -11.23 -2.14
CA ARG E 84 -11.70 -12.35 -3.05
C ARG E 84 -11.86 -11.85 -4.48
N LEU E 85 -12.89 -11.03 -4.68
CA LEU E 85 -13.13 -10.41 -5.98
C LEU E 85 -11.98 -9.52 -6.42
N ALA E 86 -11.56 -8.60 -5.55
CA ALA E 86 -10.46 -7.70 -5.86
C ALA E 86 -9.25 -8.47 -6.38
N LYS E 87 -8.96 -9.62 -5.78
CA LYS E 87 -7.83 -10.45 -6.19
C LYS E 87 -8.08 -11.04 -7.57
N ARG E 88 -9.31 -11.48 -7.81
CA ARG E 88 -9.67 -11.98 -9.12
C ARG E 88 -9.36 -10.91 -10.15
N LYS E 89 -9.81 -9.68 -9.86
CA LYS E 89 -9.67 -8.60 -10.82
C LYS E 89 -8.20 -8.20 -11.00
N LEU E 90 -7.46 -8.15 -9.90
CA LEU E 90 -6.05 -7.84 -9.97
C LEU E 90 -5.33 -8.84 -10.85
N ILE E 91 -5.83 -10.08 -10.86
CA ILE E 91 -5.22 -11.15 -11.64
C ILE E 91 -5.62 -11.11 -13.10
N GLU E 92 -6.77 -10.51 -13.37
CA GLU E 92 -7.20 -10.31 -14.75
C GLU E 92 -6.35 -9.20 -15.32
N GLU E 93 -6.20 -8.13 -14.53
CA GLU E 93 -5.41 -6.96 -14.92
C GLU E 93 -3.99 -7.29 -15.34
N ASN E 94 -3.20 -7.89 -14.45
CA ASN E 94 -1.82 -8.22 -14.83
C ASN E 94 -1.73 -9.30 -15.90
N ARG E 95 -2.80 -10.05 -16.12
CA ARG E 95 -2.86 -10.90 -17.30
C ARG E 95 -2.77 -10.00 -18.53
N GLU E 96 -3.55 -8.92 -18.49
CA GLU E 96 -3.67 -8.00 -19.62
C GLU E 96 -2.56 -6.95 -19.66
N LYS E 97 -2.30 -6.30 -18.53
CA LYS E 97 -1.24 -5.30 -18.47
C LYS E 97 0.12 -5.90 -18.85
N ARG E 98 0.32 -7.16 -18.53
CA ARG E 98 1.55 -7.84 -18.92
C ARG E 98 1.48 -8.30 -20.36
N ARG E 99 0.28 -8.58 -20.85
CA ARG E 99 0.11 -9.02 -22.23
C ARG E 99 -0.01 -7.84 -23.22
N ARG E 100 0.07 -6.62 -22.69
CA ARG E 100 0.07 -5.44 -23.56
C ARG E 100 1.39 -4.68 -23.43
N GLU E 101 2.25 -5.17 -22.53
CA GLU E 101 3.60 -4.67 -22.41
C GLU E 101 4.57 -5.50 -23.27
N GLU E 102 4.30 -6.79 -23.41
CA GLU E 102 5.11 -7.64 -24.28
C GLU E 102 4.79 -7.42 -25.76
N LEU E 103 3.85 -6.50 -26.03
CA LEU E 103 3.47 -6.14 -27.39
C LEU E 103 4.39 -5.06 -27.97
N GLN E 104 4.87 -4.18 -27.09
CA GLN E 104 5.73 -3.08 -27.49
C GLN E 104 7.18 -3.44 -27.20
N LYS E 105 7.37 -4.57 -26.52
CA LYS E 105 8.68 -5.04 -26.10
C LYS E 105 9.19 -6.15 -27.04
N GLU F 4 14.76 -4.82 14.42
CA GLU F 4 14.78 -3.44 14.88
C GLU F 4 16.15 -2.78 14.73
N LEU F 5 17.16 -3.34 15.38
CA LEU F 5 18.47 -2.72 15.46
C LEU F 5 19.57 -3.65 14.95
N CYS F 6 20.53 -3.09 14.21
CA CYS F 6 21.62 -3.89 13.66
C CYS F 6 22.44 -4.57 14.76
N VAL F 7 22.64 -5.88 14.62
CA VAL F 7 23.38 -6.60 15.65
C VAL F 7 24.89 -6.32 15.61
N VAL F 8 25.39 -5.81 14.49
CA VAL F 8 26.80 -5.46 14.40
C VAL F 8 27.06 -4.09 15.02
N CYS F 9 26.24 -3.11 14.66
CA CYS F 9 26.60 -1.73 14.94
C CYS F 9 25.49 -0.94 15.64
N GLY F 10 24.31 -1.55 15.74
CA GLY F 10 23.25 -0.95 16.51
C GLY F 10 22.46 0.21 15.92
N ASP F 11 22.63 0.55 14.65
CA ASP F 11 21.66 1.49 14.08
C ASP F 11 20.47 0.77 13.42
N LYS F 12 19.56 1.55 12.85
CA LYS F 12 18.34 1.00 12.28
C LYS F 12 18.62 -0.12 11.30
N ALA F 13 18.07 -1.30 11.59
CA ALA F 13 18.23 -2.45 10.71
C ALA F 13 17.15 -2.48 9.61
N THR F 14 17.50 -3.07 8.47
CA THR F 14 16.57 -3.17 7.34
C THR F 14 16.18 -4.61 7.01
N GLY F 15 16.12 -5.48 8.03
CA GLY F 15 15.73 -6.86 7.79
C GLY F 15 16.91 -7.82 7.89
N TYR F 16 16.70 -9.06 7.48
CA TYR F 16 17.78 -10.04 7.52
C TYR F 16 18.76 -9.87 6.37
N HIS F 17 20.04 -10.16 6.64
CA HIS F 17 21.06 -10.16 5.60
C HIS F 17 22.13 -11.16 6.01
N TYR F 18 22.32 -12.19 5.21
CA TYR F 18 23.31 -13.20 5.55
C TYR F 18 22.99 -13.76 6.95
N ARG F 19 21.69 -13.91 7.20
CA ARG F 19 21.17 -14.57 8.41
C ARG F 19 21.16 -13.72 9.69
N CYS F 20 21.34 -12.41 9.54
CA CYS F 20 21.38 -11.50 10.70
C CYS F 20 20.60 -10.22 10.49
N ILE F 21 20.06 -9.69 11.57
CA ILE F 21 19.42 -8.39 11.52
C ILE F 21 20.50 -7.31 11.40
N THR F 22 20.57 -6.65 10.25
CA THR F 22 21.65 -5.74 9.98
C THR F 22 21.17 -4.50 9.21
N CYS F 23 21.97 -3.44 9.28
CA CYS F 23 21.72 -2.24 8.48
C CYS F 23 22.28 -2.44 7.07
N GLU F 24 21.96 -1.51 6.17
CA GLU F 24 22.53 -1.52 4.82
C GLU F 24 24.05 -1.39 4.84
N GLY F 25 24.56 -0.62 5.80
CA GLY F 25 26.00 -0.47 5.95
C GLY F 25 26.71 -1.78 6.22
N CYS F 26 26.29 -2.50 7.25
CA CYS F 26 27.00 -3.72 7.57
C CYS F 26 26.78 -4.77 6.47
N LYS F 27 25.60 -4.73 5.85
CA LYS F 27 25.32 -5.66 4.77
C LYS F 27 26.23 -5.39 3.58
N GLY F 28 26.35 -4.13 3.18
CA GLY F 28 27.20 -3.77 2.05
C GLY F 28 28.64 -4.10 2.36
N PHE F 29 29.04 -3.74 3.58
CA PHE F 29 30.37 -4.05 4.08
C PHE F 29 30.69 -5.52 3.99
N PHE F 30 29.83 -6.34 4.60
CA PHE F 30 30.11 -7.75 4.72
C PHE F 30 30.15 -8.33 3.32
N ARG F 31 29.19 -7.93 2.51
CA ARG F 31 29.10 -8.43 1.15
C ARG F 31 30.40 -8.19 0.38
N ARG F 32 30.86 -6.95 0.31
CA ARG F 32 32.04 -6.68 -0.51
C ARG F 32 33.30 -7.32 0.07
N THR F 33 33.36 -7.41 1.39
CA THR F 33 34.51 -8.04 2.04
C THR F 33 34.64 -9.48 1.52
N ILE F 34 33.54 -10.23 1.59
CA ILE F 34 33.56 -11.62 1.15
C ILE F 34 33.67 -11.75 -0.36
N GLN F 35 32.88 -10.93 -1.06
CA GLN F 35 32.85 -10.90 -2.51
C GLN F 35 34.25 -10.71 -3.10
N LYS F 36 34.98 -9.71 -2.62
CA LYS F 36 36.29 -9.39 -3.17
C LYS F 36 37.38 -10.03 -2.34
N SER F 37 36.99 -10.67 -1.25
CA SER F 37 37.93 -11.44 -0.45
C SER F 37 38.94 -10.57 0.31
N LEU F 38 38.45 -9.45 0.85
CA LEU F 38 39.29 -8.42 1.45
C LEU F 38 39.76 -8.69 2.88
N HIS F 39 39.00 -9.50 3.62
CA HIS F 39 39.25 -9.65 5.05
C HIS F 39 40.70 -9.95 5.47
N PRO F 40 41.41 -10.78 4.69
CA PRO F 40 42.79 -11.10 5.08
C PRO F 40 43.67 -9.87 5.12
N SER F 41 43.29 -8.83 4.39
CA SER F 41 44.06 -7.61 4.31
C SER F 41 43.69 -6.60 5.39
N TYR F 42 42.62 -6.84 6.13
CA TYR F 42 42.24 -5.94 7.20
C TYR F 42 43.21 -6.12 8.37
N SER F 43 43.55 -5.03 9.04
CA SER F 43 44.44 -5.12 10.19
C SER F 43 44.11 -4.07 11.26
N CYS F 44 43.73 -4.55 12.43
CA CYS F 44 43.45 -3.64 13.54
C CYS F 44 44.73 -2.95 13.99
N LYS F 45 44.71 -1.63 14.09
CA LYS F 45 45.87 -0.84 14.46
C LYS F 45 46.10 -0.77 15.95
N TYR F 46 45.22 -1.41 16.69
CA TYR F 46 45.23 -1.33 18.13
C TYR F 46 44.95 -2.75 18.43
N GLU F 47 44.70 -3.00 19.69
CA GLU F 47 44.16 -4.25 20.15
C GLU F 47 42.91 -4.56 19.35
N GLY F 48 42.65 -5.82 19.10
CA GLY F 48 41.55 -6.17 18.25
C GLY F 48 40.31 -6.10 19.10
N LYS F 49 40.07 -5.02 19.79
CA LYS F 49 38.91 -4.99 20.61
C LYS F 49 38.20 -3.70 20.40
N CYS F 50 38.34 -3.13 19.23
CA CYS F 50 37.65 -1.90 18.91
C CYS F 50 36.15 -2.07 19.14
N ILE F 51 35.52 -1.04 19.70
CA ILE F 51 34.08 -1.00 19.86
C ILE F 51 33.45 -0.67 18.53
N ILE F 52 32.53 -1.49 18.07
CA ILE F 52 31.85 -1.24 16.81
C ILE F 52 30.41 -0.82 17.05
N ASP F 53 30.16 0.48 17.04
CA ASP F 53 28.80 1.01 17.08
C ASP F 53 28.56 1.85 15.82
N LYS F 54 27.45 2.57 15.74
CA LYS F 54 27.09 3.17 14.46
C LYS F 54 27.97 4.36 14.11
N VAL F 55 28.56 4.98 15.13
CA VAL F 55 29.41 6.11 14.92
C VAL F 55 30.87 5.69 14.68
N THR F 56 31.29 4.58 15.26
CA THR F 56 32.68 4.13 15.11
C THR F 56 32.90 2.98 14.14
N ARG F 57 31.86 2.55 13.45
CA ARG F 57 31.98 1.36 12.60
C ARG F 57 33.05 1.44 11.49
N ASN F 58 33.37 2.65 11.01
CA ASN F 58 34.36 2.81 9.95
C ASN F 58 35.76 3.12 10.46
N GLN F 59 35.97 2.91 11.75
CA GLN F 59 37.27 3.20 12.35
C GLN F 59 38.19 2.00 12.23
N CYS F 60 37.63 0.79 12.25
CA CYS F 60 38.47 -0.40 12.18
C CYS F 60 37.80 -1.50 11.36
N GLN F 61 38.35 -1.78 10.18
CA GLN F 61 37.77 -2.78 9.30
C GLN F 61 37.91 -4.18 9.89
N GLU F 62 39.07 -4.48 10.43
CA GLU F 62 39.28 -5.81 10.99
C GLU F 62 38.27 -6.06 12.11
N CYS F 63 38.06 -5.06 12.96
CA CYS F 63 37.12 -5.25 14.06
C CYS F 63 35.66 -5.22 13.61
N ARG F 64 35.33 -4.47 12.56
CA ARG F 64 33.95 -4.47 12.10
C ARG F 64 33.67 -5.82 11.49
N PHE F 65 34.67 -6.39 10.83
CA PHE F 65 34.48 -7.65 10.17
C PHE F 65 34.34 -8.78 11.17
N LYS F 66 35.20 -8.77 12.18
CA LYS F 66 35.21 -9.85 13.15
C LYS F 66 33.91 -9.88 13.93
N LYS F 67 33.35 -8.70 14.20
CA LYS F 67 32.03 -8.61 14.80
C LYS F 67 31.00 -9.26 13.89
N CYS F 68 31.07 -8.96 12.59
CA CYS F 68 30.16 -9.54 11.62
C CYS F 68 30.14 -11.06 11.73
N ILE F 69 31.33 -11.65 11.75
CA ILE F 69 31.49 -13.10 11.84
C ILE F 69 30.95 -13.60 13.17
N TYR F 70 31.15 -12.83 14.22
CA TYR F 70 30.81 -13.27 15.56
C TYR F 70 29.31 -13.26 15.84
N VAL F 71 28.60 -12.30 15.25
CA VAL F 71 27.15 -12.29 15.37
C VAL F 71 26.54 -13.28 14.38
N GLY F 72 27.41 -13.91 13.59
CA GLY F 72 27.01 -15.05 12.78
C GLY F 72 26.60 -14.75 11.35
N MET F 73 27.15 -13.69 10.75
CA MET F 73 26.82 -13.41 9.35
C MET F 73 27.41 -14.52 8.50
N ALA F 74 26.63 -14.98 7.53
CA ALA F 74 26.98 -16.20 6.83
C ALA F 74 27.73 -15.94 5.53
N THR F 75 29.03 -16.22 5.54
CA THR F 75 29.85 -16.04 4.35
C THR F 75 29.36 -16.92 3.18
N ASP F 76 28.80 -18.08 3.50
CA ASP F 76 28.32 -19.01 2.49
C ASP F 76 27.16 -18.46 1.67
N LEU F 77 26.52 -17.39 2.13
CA LEU F 77 25.41 -16.81 1.39
C LEU F 77 25.88 -15.67 0.48
N VAL F 78 27.18 -15.42 0.48
CA VAL F 78 27.78 -14.50 -0.47
C VAL F 78 28.45 -15.30 -1.57
N LEU F 79 28.07 -15.07 -2.82
CA LEU F 79 28.83 -15.63 -3.93
C LEU F 79 30.10 -14.77 -4.21
N ASP F 80 31.29 -15.27 -3.85
CA ASP F 80 32.52 -14.52 -4.12
C ASP F 80 32.77 -14.37 -5.60
N ASP F 81 33.65 -13.43 -5.95
CA ASP F 81 34.12 -13.30 -7.31
C ASP F 81 34.88 -14.56 -7.72
N SER F 82 35.73 -15.04 -6.81
CA SER F 82 36.53 -16.23 -7.07
C SER F 82 35.65 -17.43 -7.39
N LYS F 83 34.64 -17.68 -6.55
CA LYS F 83 33.70 -18.78 -6.79
C LYS F 83 32.94 -18.60 -8.09
N ARG F 84 32.39 -17.41 -8.28
CA ARG F 84 31.64 -17.08 -9.48
C ARG F 84 32.41 -17.39 -10.75
N LEU F 85 33.62 -16.82 -10.86
CA LEU F 85 34.40 -16.97 -12.08
C LEU F 85 34.90 -18.38 -12.28
N ALA F 86 35.27 -19.05 -11.19
CA ALA F 86 35.69 -20.45 -11.25
C ALA F 86 34.54 -21.39 -11.64
N LYS F 87 33.32 -21.03 -11.26
CA LYS F 87 32.14 -21.83 -11.58
C LYS F 87 31.86 -21.69 -13.05
N ARG F 88 31.92 -20.45 -13.53
CA ARG F 88 31.72 -20.14 -14.94
C ARG F 88 32.78 -20.80 -15.82
N LYS F 89 34.05 -20.64 -15.44
CA LYS F 89 35.17 -21.22 -16.18
C LYS F 89 34.97 -22.71 -16.45
N LEU F 90 34.33 -23.40 -15.52
CA LEU F 90 34.08 -24.82 -15.69
C LEU F 90 32.93 -25.14 -16.64
N ILE F 91 31.85 -24.34 -16.57
CA ILE F 91 30.69 -24.55 -17.44
C ILE F 91 30.97 -24.05 -18.86
N GLU F 92 31.96 -23.18 -19.01
CA GLU F 92 32.39 -22.72 -20.32
C GLU F 92 33.26 -23.77 -21.01
N GLU F 93 34.11 -24.44 -20.23
CA GLU F 93 34.91 -25.54 -20.76
C GLU F 93 33.99 -26.68 -21.14
N ASN F 94 32.82 -26.73 -20.52
CA ASN F 94 31.77 -27.65 -20.92
C ASN F 94 31.31 -27.36 -22.35
N ARG F 95 30.73 -26.19 -22.53
CA ARG F 95 30.14 -25.77 -23.79
C ARG F 95 31.13 -25.80 -24.97
N GLU F 96 32.41 -25.61 -24.69
CA GLU F 96 33.43 -25.61 -25.74
C GLU F 96 33.76 -27.04 -26.21
N LYS F 97 33.94 -27.94 -25.25
CA LYS F 97 34.24 -29.34 -25.56
C LYS F 97 33.09 -29.99 -26.34
N ARG F 98 31.85 -29.79 -25.87
CA ARG F 98 30.68 -30.34 -26.54
C ARG F 98 30.68 -30.00 -28.03
N ARG F 99 30.96 -28.74 -28.34
CA ARG F 99 30.91 -28.24 -29.71
C ARG F 99 31.98 -28.84 -30.63
N ARG F 100 33.21 -28.95 -30.14
CA ARG F 100 34.28 -29.53 -30.95
C ARG F 100 34.01 -31.01 -31.26
ZN ZN I . 8.84 25.67 -9.25
ZN ZN J . 14.47 37.38 -17.96
ZN ZN K . -26.92 3.90 -11.79
ZN ZN L . -29.90 -10.87 -15.60
ZN ZN M . -4.51 -31.36 9.98
ZN ZN N . -17.75 -33.65 17.98
ZN ZN O . 25.21 -2.01 11.20
ZN ZN P . 40.26 -2.75 15.73
#